data_6FEX
#
_entry.id   6FEX
#
_cell.length_a   40.834
_cell.length_b   61.750
_cell.length_c   63.072
_cell.angle_alpha   90.000
_cell.angle_beta   106.510
_cell.angle_gamma   90.000
#
_symmetry.space_group_name_H-M   'P 1 21 1'
#
loop_
_entity.id
_entity.type
_entity.pdbx_description
1 polymer 'Epithelial discoidin domain-containing receptor 1'
2 non-polymer "2-[4-bromanyl-2-oxidanylidene-1'-(1~{H}-pyrazolo[4,3-b]pyridin-5-ylcarbonyl)spiro[indole-3,4'-piperidine]-1-yl]-~{N}-[2,2,2-tris(fluoranyl)ethyl]ethanamide"
3 non-polymer 'IODIDE ION'
4 non-polymer '2-(N-MORPHOLINO)-ETHANESULFONIC ACID'
5 non-polymer 'CHLORIDE ION'
6 water water
#
_entity_poly.entity_id   1
_entity_poly.type   'polypeptide(L)'
_entity_poly.pdbx_seq_one_letter_code
;PGAVGDGPPRVDFPRSRLRFKEKLGEGQFGEVHLCEVDSPQDLVSLDFPLNVRKGHPLLVAVKILRPDATKNARNDFLKE
VKIMSRLKDPNIIRLLGVCVQDDPLCMITDYMENGDLNQFLSAHQLEDKAAEGAPGDPTISYPMLLHVAAQIASGMRYLA
TLNFVHRDLATRNCLVGENFTIKIADFGMSRNLYAGDYYRVQGRAVLPIRWMAWECILMGKFTTASDVWAFGVTLWEVLM
LCRAQPFGQLTDEQVIENAGEFFRDQGRQVYLSRPPACPQGLYELMLRCWSRESEQRPPFSQLHRFLAEDALNTVHHHHH
H
;
_entity_poly.pdbx_strand_id   A
#
# COMPACT_ATOMS: atom_id res chain seq x y z
N ARG A 10 4.56 -18.06 20.29
CA ARG A 10 5.94 -17.85 19.84
C ARG A 10 6.45 -19.05 19.05
N VAL A 11 5.54 -19.93 18.63
CA VAL A 11 5.91 -21.15 17.91
C VAL A 11 5.50 -21.01 16.45
N ASP A 12 6.24 -21.70 15.58
CA ASP A 12 5.93 -21.67 14.15
C ASP A 12 4.55 -22.24 13.88
N PHE A 13 3.88 -21.63 12.94
CA PHE A 13 2.72 -22.23 12.30
C PHE A 13 3.15 -23.55 11.69
N PRO A 14 2.30 -24.59 11.72
CA PRO A 14 2.68 -25.87 11.12
C PRO A 14 2.73 -25.80 9.59
N ARG A 15 3.96 -25.75 9.07
CA ARG A 15 4.18 -25.62 7.63
C ARG A 15 3.49 -26.73 6.84
N SER A 16 3.38 -27.92 7.43
CA SER A 16 2.80 -29.05 6.70
C SER A 16 1.32 -28.87 6.42
N ARG A 17 0.63 -27.97 7.12
CA ARG A 17 -0.79 -27.71 6.88
C ARG A 17 -1.05 -26.71 5.76
N LEU A 18 0.00 -26.12 5.17
CA LEU A 18 -0.15 -25.16 4.09
C LEU A 18 -0.17 -25.91 2.75
N ARG A 19 -1.33 -25.96 2.11
CA ARG A 19 -1.51 -26.71 0.87
C ARG A 19 -1.52 -25.73 -0.30
N PHE A 20 -0.54 -25.87 -1.19
CA PHE A 20 -0.41 -24.97 -2.33
C PHE A 20 -1.64 -25.03 -3.23
N LYS A 21 -2.09 -23.87 -3.69
CA LYS A 21 -3.16 -23.77 -4.69
C LYS A 21 -2.68 -23.07 -5.95
N GLU A 22 -2.10 -21.87 -5.83
CA GLU A 22 -1.56 -21.18 -6.99
C GLU A 22 -0.57 -20.11 -6.54
N LYS A 23 0.25 -19.67 -7.49
CA LYS A 23 1.22 -18.60 -7.26
C LYS A 23 0.50 -17.26 -7.40
N LEU A 24 0.63 -16.42 -6.37
CA LEU A 24 0.12 -15.05 -6.41
C LEU A 24 1.15 -14.02 -6.88
N GLY A 25 2.44 -14.33 -6.72
CA GLY A 25 3.48 -13.40 -7.10
C GLY A 25 4.84 -14.06 -7.18
N GLU A 26 5.69 -13.52 -8.05
CA GLU A 26 7.08 -13.95 -8.23
C GLU A 26 7.95 -12.78 -7.83
N GLY A 27 8.82 -12.98 -6.84
CA GLY A 27 9.73 -11.96 -6.39
C GLY A 27 11.16 -12.29 -6.76
N GLN A 28 12.04 -11.32 -6.50
CA GLN A 28 13.46 -11.51 -6.78
C GLN A 28 14.04 -12.64 -5.95
N PHE A 29 13.66 -12.73 -4.67
CA PHE A 29 14.21 -13.70 -3.74
C PHE A 29 13.21 -14.67 -3.18
N GLY A 30 11.98 -14.67 -3.69
CA GLY A 30 10.98 -15.55 -3.15
C GLY A 30 9.72 -15.50 -3.99
N GLU A 31 8.64 -16.01 -3.40
CA GLU A 31 7.35 -16.10 -4.08
C GLU A 31 6.26 -15.89 -3.04
N VAL A 32 5.07 -15.55 -3.53
CA VAL A 32 3.87 -15.49 -2.70
C VAL A 32 2.92 -16.53 -3.23
N HIS A 33 2.46 -17.40 -2.37
CA HIS A 33 1.54 -18.46 -2.76
C HIS A 33 0.17 -18.26 -2.10
N LEU A 34 -0.86 -18.66 -2.83
CA LEU A 34 -2.18 -18.89 -2.27
C LEU A 34 -2.19 -20.33 -1.78
N CYS A 35 -2.47 -20.53 -0.50
CA CYS A 35 -2.58 -21.86 0.07
C CYS A 35 -3.91 -22.02 0.76
N GLU A 36 -4.35 -23.26 0.86
CA GLU A 36 -5.40 -23.67 1.78
C GLU A 36 -4.74 -24.19 3.05
N VAL A 37 -5.42 -24.05 4.18
CA VAL A 37 -4.95 -24.61 5.44
C VAL A 37 -5.71 -25.90 5.68
N ASP A 38 -5.01 -27.02 5.77
CA ASP A 38 -5.64 -28.31 6.03
C ASP A 38 -6.16 -28.36 7.47
N SER A 39 -7.37 -28.87 7.65
CA SER A 39 -7.94 -29.12 8.98
C SER A 39 -7.77 -27.92 9.91
N PRO A 40 -8.24 -26.73 9.51
CA PRO A 40 -7.86 -25.50 10.23
C PRO A 40 -8.42 -25.40 11.64
N GLN A 41 -9.58 -26.00 11.93
CA GLN A 41 -10.14 -25.90 13.28
C GLN A 41 -9.18 -26.41 14.34
N ASP A 42 -8.21 -27.26 13.98
CA ASP A 42 -7.19 -27.69 14.93
C ASP A 42 -6.26 -26.57 15.37
N LEU A 43 -6.15 -25.49 14.58
CA LEU A 43 -5.14 -24.47 14.84
C LEU A 43 -5.67 -23.20 15.48
N VAL A 44 -6.95 -22.86 15.29
CA VAL A 44 -7.47 -21.57 15.78
C VAL A 44 -7.20 -21.39 17.27
N PHE A 48 -3.17 -18.89 16.57
CA PHE A 48 -3.31 -18.63 15.14
C PHE A 48 -4.72 -18.09 14.84
N PRO A 49 -4.83 -16.76 14.59
CA PRO A 49 -6.14 -16.10 14.50
C PRO A 49 -6.93 -16.40 13.23
N LEU A 50 -7.08 -17.68 12.88
CA LEU A 50 -7.72 -18.02 11.61
C LEU A 50 -9.23 -17.80 11.68
N ASN A 51 -9.77 -17.22 10.62
CA ASN A 51 -11.20 -16.89 10.53
C ASN A 51 -11.86 -17.95 9.65
N VAL A 52 -12.25 -19.06 10.27
CA VAL A 52 -12.73 -20.24 9.55
C VAL A 52 -14.25 -20.22 9.53
N ARG A 53 -14.83 -20.30 8.33
CA ARG A 53 -16.23 -20.65 8.18
C ARG A 53 -16.33 -22.16 8.03
N LYS A 54 -16.97 -22.80 9.01
CA LYS A 54 -16.94 -24.25 9.15
C LYS A 54 -17.19 -24.97 7.83
N GLY A 55 -16.30 -25.89 7.49
CA GLY A 55 -16.43 -26.68 6.28
C GLY A 55 -16.21 -25.90 4.99
N HIS A 56 -15.62 -24.72 5.07
CA HIS A 56 -15.23 -23.96 3.88
C HIS A 56 -13.72 -23.80 3.84
N PRO A 57 -13.14 -23.62 2.65
CA PRO A 57 -11.68 -23.49 2.57
C PRO A 57 -11.19 -22.24 3.29
N LEU A 58 -10.18 -22.42 4.14
CA LEU A 58 -9.47 -21.30 4.73
C LEU A 58 -8.30 -20.98 3.81
N LEU A 59 -8.40 -19.87 3.09
CA LEU A 59 -7.37 -19.45 2.15
C LEU A 59 -6.46 -18.43 2.82
N VAL A 60 -5.16 -18.60 2.59
CA VAL A 60 -4.15 -17.68 3.11
C VAL A 60 -3.14 -17.38 2.02
N ALA A 61 -2.51 -16.23 2.13
CA ALA A 61 -1.39 -15.87 1.28
C ALA A 61 -0.10 -16.04 2.08
N VAL A 62 0.90 -16.64 1.45
CA VAL A 62 2.15 -16.98 2.13
C VAL A 62 3.32 -16.39 1.35
N LYS A 63 4.06 -15.50 1.99
CA LYS A 63 5.28 -14.94 1.41
C LYS A 63 6.47 -15.79 1.87
N ILE A 64 7.20 -16.35 0.91
CA ILE A 64 8.20 -17.39 1.13
C ILE A 64 9.53 -16.90 0.57
N LEU A 65 10.59 -17.09 1.34
CA LEU A 65 11.95 -16.77 0.92
C LEU A 65 12.58 -18.03 0.33
N ARG A 66 13.09 -17.93 -0.88
CA ARG A 66 13.77 -19.07 -1.46
C ARG A 66 14.89 -19.53 -0.53
N PRO A 67 15.00 -20.83 -0.24
CA PRO A 67 16.07 -21.29 0.67
C PRO A 67 17.47 -20.97 0.18
N ASP A 68 17.67 -20.85 -1.13
CA ASP A 68 18.98 -20.52 -1.68
C ASP A 68 19.12 -19.04 -1.98
N ALA A 69 18.24 -18.20 -1.47
CA ALA A 69 18.42 -16.77 -1.66
C ALA A 69 19.69 -16.33 -0.93
N THR A 70 20.24 -15.20 -1.37
CA THR A 70 21.48 -14.69 -0.80
C THR A 70 21.32 -14.41 0.70
N LYS A 71 22.47 -14.35 1.37
CA LYS A 71 22.48 -14.01 2.79
C LYS A 71 21.84 -12.64 3.01
N ASN A 72 22.07 -11.69 2.10
CA ASN A 72 21.48 -10.36 2.28
C ASN A 72 19.96 -10.42 2.16
N ALA A 73 19.46 -11.20 1.21
CA ALA A 73 18.01 -11.37 1.10
C ALA A 73 17.41 -12.01 2.35
N ARG A 74 18.11 -12.98 2.94
CA ARG A 74 17.61 -13.58 4.17
C ARG A 74 17.61 -12.58 5.32
N ASN A 75 18.68 -11.79 5.44
CA ASN A 75 18.74 -10.74 6.44
C ASN A 75 17.55 -9.79 6.30
N ASP A 76 17.27 -9.35 5.06
CA ASP A 76 16.16 -8.42 4.86
C ASP A 76 14.82 -9.09 5.21
N PHE A 77 14.68 -10.38 4.92
CA PHE A 77 13.45 -11.08 5.24
C PHE A 77 13.25 -11.16 6.75
N LEU A 78 14.32 -11.45 7.49
CA LEU A 78 14.22 -11.52 8.96
C LEU A 78 13.81 -10.17 9.53
N LYS A 79 14.32 -9.06 8.97
CA LYS A 79 13.88 -7.75 9.44
C LYS A 79 12.42 -7.51 9.11
N GLU A 80 11.97 -7.96 7.94
CA GLU A 80 10.56 -7.82 7.60
C GLU A 80 9.66 -8.58 8.58
N VAL A 81 10.09 -9.78 9.01
CA VAL A 81 9.34 -10.51 10.01
C VAL A 81 9.18 -9.67 11.28
N LYS A 82 10.28 -9.03 11.72
CA LYS A 82 10.25 -8.20 12.92
C LYS A 82 9.26 -7.05 12.77
N ILE A 83 9.28 -6.39 11.62
CA ILE A 83 8.35 -5.30 11.37
C ILE A 83 6.92 -5.82 11.35
N MET A 84 6.68 -6.85 10.54
CA MET A 84 5.32 -7.38 10.39
C MET A 84 4.74 -7.89 11.69
N SER A 85 5.59 -8.39 12.60
N SER A 85 5.57 -8.41 12.59
CA SER A 85 5.13 -8.92 13.88
CA SER A 85 5.03 -8.94 13.83
C SER A 85 4.46 -7.87 14.76
C SER A 85 4.34 -7.87 14.68
N ARG A 86 4.66 -6.59 14.48
CA ARG A 86 4.03 -5.52 15.24
C ARG A 86 2.66 -5.11 14.71
N LEU A 87 2.34 -5.44 13.46
CA LEU A 87 1.22 -4.79 12.77
C LEU A 87 -0.09 -5.53 13.04
N LYS A 88 -0.97 -4.88 13.80
CA LYS A 88 -2.21 -5.50 14.24
C LYS A 88 -3.34 -4.49 14.06
N ASP A 89 -3.80 -4.36 12.82
CA ASP A 89 -4.88 -3.44 12.50
C ASP A 89 -5.70 -4.01 11.36
N PRO A 90 -7.02 -3.78 11.36
CA PRO A 90 -7.89 -4.36 10.32
C PRO A 90 -7.58 -3.87 8.92
N ASN A 91 -6.90 -2.74 8.76
CA ASN A 91 -6.65 -2.19 7.44
C ASN A 91 -5.17 -2.23 7.06
N ILE A 92 -4.38 -3.06 7.75
CA ILE A 92 -2.98 -3.35 7.41
C ILE A 92 -2.86 -4.87 7.35
N ILE A 93 -2.05 -5.37 6.43
CA ILE A 93 -1.68 -6.79 6.44
C ILE A 93 -1.28 -7.21 7.85
N ARG A 94 -1.85 -8.33 8.31
CA ARG A 94 -1.58 -8.88 9.63
CA ARG A 94 -1.57 -8.89 9.63
C ARG A 94 -1.02 -10.29 9.48
N LEU A 95 -0.03 -10.63 10.29
CA LEU A 95 0.49 -11.99 10.27
C LEU A 95 -0.45 -12.93 10.99
N LEU A 96 -0.84 -13.99 10.31
CA LEU A 96 -1.56 -15.07 10.98
C LEU A 96 -0.59 -16.04 11.64
N GLY A 97 0.64 -16.07 11.16
CA GLY A 97 1.65 -17.00 11.65
C GLY A 97 2.89 -16.87 10.80
N VAL A 98 3.95 -17.51 11.26
CA VAL A 98 5.21 -17.54 10.54
C VAL A 98 5.77 -18.95 10.60
N CYS A 99 6.67 -19.26 9.67
CA CYS A 99 7.46 -20.48 9.73
C CYS A 99 8.90 -20.02 9.57
N VAL A 100 9.63 -19.88 10.67
CA VAL A 100 10.98 -19.32 10.62
C VAL A 100 12.02 -20.15 11.36
N GLN A 101 11.59 -21.18 12.10
CA GLN A 101 12.59 -21.98 12.79
C GLN A 101 13.38 -22.87 11.85
N ASP A 102 12.80 -23.21 10.69
CA ASP A 102 13.47 -23.91 9.62
C ASP A 102 13.10 -23.24 8.31
N ASP A 103 13.64 -23.75 7.20
CA ASP A 103 13.46 -23.15 5.89
C ASP A 103 12.43 -23.93 5.10
N PRO A 104 11.79 -23.28 4.11
CA PRO A 104 11.93 -21.86 3.76
C PRO A 104 11.23 -20.96 4.75
N LEU A 105 11.82 -19.79 5.00
CA LEU A 105 11.14 -18.81 5.85
C LEU A 105 9.86 -18.38 5.19
N CYS A 106 8.79 -18.26 5.97
CA CYS A 106 7.51 -17.83 5.43
CA CYS A 106 7.55 -17.78 5.41
C CYS A 106 6.75 -16.97 6.42
N MET A 107 5.94 -16.07 5.87
CA MET A 107 4.98 -15.25 6.60
C MET A 107 3.60 -15.48 5.98
N ILE A 108 2.61 -15.71 6.84
CA ILE A 108 1.26 -16.09 6.44
C ILE A 108 0.30 -14.96 6.77
N THR A 109 -0.60 -14.64 5.84
CA THR A 109 -1.61 -13.61 6.08
C THR A 109 -2.92 -14.02 5.40
N ASP A 110 -3.98 -13.28 5.71
CA ASP A 110 -5.28 -13.53 5.13
C ASP A 110 -5.24 -13.32 3.63
N TYR A 111 -5.96 -14.17 2.90
CA TYR A 111 -6.13 -13.98 1.47
C TYR A 111 -7.15 -12.89 1.21
N MET A 112 -6.78 -11.96 0.31
CA MET A 112 -7.63 -10.86 -0.14
C MET A 112 -7.99 -11.15 -1.59
N GLU A 113 -9.23 -11.57 -1.82
CA GLU A 113 -9.57 -12.26 -3.07
C GLU A 113 -9.62 -11.35 -4.30
N ASN A 114 -9.63 -10.03 -4.14
CA ASN A 114 -9.72 -9.16 -5.30
C ASN A 114 -8.39 -8.49 -5.67
N GLY A 115 -7.26 -8.93 -5.12
CA GLY A 115 -5.98 -8.47 -5.60
C GLY A 115 -5.69 -7.01 -5.25
N ASP A 116 -4.78 -6.40 -6.02
CA ASP A 116 -4.35 -5.06 -5.71
C ASP A 116 -5.40 -4.05 -6.14
N LEU A 117 -5.45 -2.94 -5.40
CA LEU A 117 -6.53 -1.98 -5.57
C LEU A 117 -6.46 -1.27 -6.92
N ASN A 118 -5.25 -1.08 -7.45
CA ASN A 118 -5.13 -0.38 -8.73
C ASN A 118 -5.79 -1.19 -9.84
N GLN A 119 -5.47 -2.48 -9.91
CA GLN A 119 -6.06 -3.30 -10.96
C GLN A 119 -7.57 -3.50 -10.71
N PHE A 120 -7.97 -3.60 -9.45
CA PHE A 120 -9.38 -3.80 -9.12
C PHE A 120 -10.19 -2.57 -9.51
N LEU A 121 -9.74 -1.39 -9.10
CA LEU A 121 -10.57 -0.22 -9.31
C LEU A 121 -10.59 0.20 -10.76
N SER A 122 -9.52 -0.05 -11.52
CA SER A 122 -9.46 0.48 -12.88
C SER A 122 -10.47 -0.19 -13.80
N ALA A 123 -10.98 -1.35 -13.42
CA ALA A 123 -12.04 -1.98 -14.18
C ALA A 123 -13.38 -1.27 -14.02
N HIS A 124 -13.53 -0.45 -12.98
CA HIS A 124 -14.81 0.20 -12.66
C HIS A 124 -14.88 1.61 -13.23
N GLN A 125 -16.11 2.08 -13.44
CA GLN A 125 -16.38 3.49 -13.71
C GLN A 125 -17.28 4.01 -12.60
N LEU A 126 -17.27 5.32 -12.42
CA LEU A 126 -18.18 5.92 -11.44
C LEU A 126 -19.62 5.68 -11.89
N GLU A 127 -20.47 5.27 -10.95
CA GLU A 127 -21.86 5.02 -11.28
CA GLU A 127 -21.86 5.01 -11.30
C GLU A 127 -22.51 6.28 -11.84
N ASP A 128 -23.39 6.09 -12.83
CA ASP A 128 -24.12 7.18 -13.48
C ASP A 128 -25.39 7.46 -12.72
N PRO A 138 -19.43 -2.96 -14.48
CA PRO A 138 -18.77 -2.72 -13.19
C PRO A 138 -18.69 -1.24 -12.84
N THR A 139 -19.50 -0.82 -11.87
CA THR A 139 -19.50 0.57 -11.44
C THR A 139 -19.29 0.61 -9.94
N ILE A 140 -18.95 1.79 -9.47
CA ILE A 140 -18.75 2.01 -8.05
C ILE A 140 -19.31 3.39 -7.74
N SER A 141 -19.93 3.52 -6.56
CA SER A 141 -20.54 4.78 -6.17
C SER A 141 -19.50 5.69 -5.53
N TYR A 142 -19.83 6.97 -5.49
CA TYR A 142 -18.98 7.92 -4.78
C TYR A 142 -18.84 7.58 -3.31
N PRO A 143 -19.91 7.29 -2.56
CA PRO A 143 -19.71 6.92 -1.15
C PRO A 143 -18.79 5.73 -0.97
N MET A 144 -18.83 4.76 -1.89
CA MET A 144 -17.94 3.61 -1.81
C MET A 144 -16.49 4.00 -2.05
N LEU A 145 -16.24 4.94 -2.98
CA LEU A 145 -14.88 5.44 -3.15
C LEU A 145 -14.37 6.07 -1.86
N LEU A 146 -15.22 6.84 -1.18
CA LEU A 146 -14.82 7.44 0.10
C LEU A 146 -14.59 6.38 1.15
N HIS A 147 -15.38 5.31 1.15
CA HIS A 147 -15.17 4.22 2.09
C HIS A 147 -13.84 3.53 1.86
N VAL A 148 -13.46 3.33 0.60
CA VAL A 148 -12.14 2.80 0.27
C VAL A 148 -11.06 3.71 0.84
N ALA A 149 -11.19 5.02 0.58
CA ALA A 149 -10.17 5.97 1.02
C ALA A 149 -10.12 6.06 2.53
N ALA A 150 -11.28 6.00 3.18
CA ALA A 150 -11.31 6.07 4.64
C ALA A 150 -10.58 4.90 5.27
N GLN A 151 -10.74 3.72 4.70
CA GLN A 151 -10.03 2.55 5.21
C GLN A 151 -8.52 2.71 5.07
N ILE A 152 -8.06 3.24 3.94
CA ILE A 152 -6.63 3.50 3.80
C ILE A 152 -6.17 4.48 4.87
N ALA A 153 -6.94 5.55 5.08
CA ALA A 153 -6.57 6.54 6.09
C ALA A 153 -6.53 5.91 7.47
N SER A 154 -7.45 4.98 7.75
CA SER A 154 -7.48 4.32 9.04
C SER A 154 -6.24 3.46 9.24
N GLY A 155 -5.83 2.73 8.20
CA GLY A 155 -4.63 1.95 8.30
C GLY A 155 -3.41 2.83 8.52
N MET A 156 -3.33 3.96 7.79
CA MET A 156 -2.18 4.84 7.94
C MET A 156 -2.18 5.50 9.31
N ARG A 157 -3.37 5.82 9.83
CA ARG A 157 -3.51 6.35 11.19
C ARG A 157 -2.86 5.39 12.18
N TYR A 158 -3.12 4.10 12.02
CA TYR A 158 -2.51 3.08 12.87
C TYR A 158 -0.99 3.09 12.72
N LEU A 159 -0.48 3.06 11.49
CA LEU A 159 0.97 3.10 11.30
C LEU A 159 1.58 4.33 11.98
N ALA A 160 0.89 5.46 11.91
CA ALA A 160 1.41 6.67 12.54
C ALA A 160 1.52 6.51 14.06
N THR A 161 0.56 5.79 14.69
CA THR A 161 0.66 5.55 16.12
C THR A 161 1.89 4.72 16.47
N LEU A 162 2.35 3.88 15.53
CA LEU A 162 3.54 3.06 15.73
C LEU A 162 4.81 3.79 15.33
N ASN A 163 4.69 5.03 14.87
CA ASN A 163 5.84 5.77 14.33
C ASN A 163 6.49 5.01 13.18
N PHE A 164 5.67 4.35 12.38
CA PHE A 164 6.14 3.56 11.26
C PHE A 164 5.82 4.32 9.98
N VAL A 165 6.85 4.58 9.19
CA VAL A 165 6.71 5.30 7.95
C VAL A 165 6.70 4.29 6.80
N HIS A 166 5.63 4.31 6.01
CA HIS A 166 5.45 3.31 4.96
C HIS A 166 6.45 3.50 3.82
N ARG A 167 6.57 4.73 3.32
CA ARG A 167 7.49 5.20 2.28
C ARG A 167 6.99 4.91 0.86
N ASP A 168 5.99 4.05 0.66
CA ASP A 168 5.55 3.71 -0.69
C ASP A 168 4.03 3.53 -0.75
N LEU A 169 3.28 4.42 -0.11
CA LEU A 169 1.84 4.33 -0.20
C LEU A 169 1.36 4.72 -1.60
N ALA A 170 0.52 3.86 -2.17
CA ALA A 170 -0.06 4.02 -3.51
C ALA A 170 -1.11 2.93 -3.65
N THR A 171 -2.05 3.12 -4.59
CA THR A 171 -3.09 2.09 -4.73
C THR A 171 -2.51 0.74 -5.12
N ARG A 172 -1.42 0.72 -5.88
CA ARG A 172 -0.81 -0.55 -6.25
C ARG A 172 -0.36 -1.35 -5.03
N ASN A 173 -0.18 -0.71 -3.87
CA ASN A 173 0.27 -1.39 -2.67
C ASN A 173 -0.86 -1.71 -1.71
N CYS A 174 -2.10 -1.49 -2.12
CA CYS A 174 -3.27 -1.83 -1.32
C CYS A 174 -3.94 -3.07 -1.92
N LEU A 175 -4.53 -3.89 -1.03
CA LEU A 175 -5.25 -5.10 -1.42
C LEU A 175 -6.73 -4.95 -1.13
N VAL A 176 -7.54 -5.68 -1.91
CA VAL A 176 -9.00 -5.61 -1.82
C VAL A 176 -9.53 -7.00 -1.51
N GLY A 177 -10.36 -7.08 -0.49
CA GLY A 177 -11.06 -8.29 -0.13
C GLY A 177 -12.52 -8.23 -0.52
N GLU A 178 -13.39 -8.82 0.30
CA GLU A 178 -14.81 -8.80 0.01
C GLU A 178 -15.41 -7.48 0.45
N ASN A 179 -16.48 -7.06 -0.23
CA ASN A 179 -17.25 -5.90 0.20
C ASN A 179 -16.37 -4.64 0.28
N PHE A 180 -15.43 -4.52 -0.64
CA PHE A 180 -14.54 -3.36 -0.73
C PHE A 180 -13.72 -3.14 0.54
N THR A 181 -13.41 -4.19 1.29
CA THR A 181 -12.46 -4.05 2.38
C THR A 181 -11.05 -3.89 1.83
N ILE A 182 -10.28 -3.01 2.47
CA ILE A 182 -8.94 -2.64 2.01
C ILE A 182 -7.92 -2.93 3.09
N LYS A 183 -6.77 -3.47 2.67
CA LYS A 183 -5.61 -3.54 3.54
C LYS A 183 -4.38 -2.98 2.82
N ILE A 184 -3.60 -2.22 3.57
CA ILE A 184 -2.35 -1.68 3.04
C ILE A 184 -1.27 -2.75 3.14
N ALA A 185 -0.53 -2.93 2.05
CA ALA A 185 0.58 -3.87 1.95
C ALA A 185 1.80 -3.14 1.41
N ASP A 186 2.84 -3.89 1.01
CA ASP A 186 4.03 -3.27 0.42
C ASP A 186 4.70 -4.34 -0.44
N PHE A 187 4.33 -4.35 -1.72
CA PHE A 187 4.85 -5.32 -2.68
C PHE A 187 6.32 -5.08 -3.05
N GLY A 188 6.89 -3.97 -2.65
CA GLY A 188 8.18 -3.59 -3.17
C GLY A 188 8.01 -2.94 -4.53
N MET A 189 9.14 -2.77 -5.21
CA MET A 189 9.22 -1.87 -6.35
C MET A 189 9.56 -2.56 -7.66
N SER A 190 9.57 -3.89 -7.70
CA SER A 190 10.07 -4.61 -8.85
C SER A 190 9.01 -5.13 -9.82
N ARG A 191 7.71 -5.13 -9.48
CA ARG A 191 6.72 -5.71 -10.40
C ARG A 191 6.75 -4.99 -11.75
N ASN A 192 6.75 -5.77 -12.84
CA ASN A 192 6.83 -5.17 -14.17
C ASN A 192 5.65 -4.25 -14.44
N LEU A 193 4.47 -4.63 -13.95
CA LEU A 193 3.25 -3.89 -14.23
C LEU A 193 3.34 -2.44 -13.79
N TYR A 194 4.12 -2.17 -12.74
CA TYR A 194 4.23 -0.83 -12.17
C TYR A 194 5.61 -0.20 -12.34
N ALA A 195 6.42 -0.73 -13.26
CA ALA A 195 7.77 -0.21 -13.43
C ALA A 195 7.77 1.29 -13.74
N GLY A 196 6.77 1.77 -14.47
CA GLY A 196 6.72 3.19 -14.80
C GLY A 196 6.43 4.10 -13.63
N ASP A 197 6.08 3.53 -12.48
CA ASP A 197 5.83 4.31 -11.27
C ASP A 197 7.08 4.53 -10.45
N TYR A 198 8.22 4.01 -10.89
CA TYR A 198 9.45 4.10 -10.15
C TYR A 198 10.53 4.72 -11.04
N TYR A 199 11.37 5.54 -10.41
CA TYR A 199 12.47 6.24 -11.05
C TYR A 199 13.77 5.58 -10.61
N ARG A 200 14.53 5.07 -11.58
CA ARG A 200 15.73 4.28 -11.34
C ARG A 200 16.95 5.03 -11.84
N VAL A 201 17.94 5.16 -10.96
CA VAL A 201 19.26 5.66 -11.30
C VAL A 201 20.27 4.69 -10.73
N GLN A 202 21.31 4.37 -11.53
CA GLN A 202 22.34 3.43 -11.07
C GLN A 202 22.92 3.89 -9.74
N GLY A 203 22.98 2.95 -8.79
CA GLY A 203 23.59 3.22 -7.51
C GLY A 203 22.72 3.97 -6.52
N ARG A 204 21.47 4.25 -6.86
CA ARG A 204 20.54 4.95 -6.00
C ARG A 204 19.35 4.05 -5.67
N ALA A 205 18.68 4.38 -4.57
CA ALA A 205 17.41 3.73 -4.26
C ALA A 205 16.41 3.98 -5.37
N VAL A 206 15.55 3.00 -5.59
CA VAL A 206 14.45 3.14 -6.54
C VAL A 206 13.38 3.98 -5.88
N LEU A 207 12.81 4.95 -6.63
CA LEU A 207 11.97 5.95 -5.97
C LEU A 207 10.62 6.16 -6.65
N PRO A 208 9.50 6.10 -5.91
CA PRO A 208 8.15 6.41 -6.47
C PRO A 208 7.89 7.92 -6.52
N ILE A 209 8.62 8.59 -7.42
CA ILE A 209 8.70 10.05 -7.39
C ILE A 209 7.33 10.71 -7.50
N ARG A 210 6.40 10.13 -8.26
CA ARG A 210 5.10 10.76 -8.46
C ARG A 210 4.22 10.78 -7.21
N TRP A 211 4.58 9.97 -6.21
CA TRP A 211 3.88 9.93 -4.93
C TRP A 211 4.65 10.67 -3.82
N MET A 212 5.84 11.18 -4.11
CA MET A 212 6.75 11.67 -3.08
C MET A 212 6.63 13.16 -2.83
N ALA A 213 6.55 13.53 -1.57
CA ALA A 213 6.66 14.93 -1.17
C ALA A 213 7.98 15.52 -1.65
N TRP A 214 7.97 16.83 -1.84
CA TRP A 214 9.15 17.50 -2.37
C TRP A 214 10.38 17.23 -1.50
N GLU A 215 10.20 17.16 -0.17
CA GLU A 215 11.37 16.97 0.68
C GLU A 215 11.93 15.55 0.60
N CYS A 216 11.07 14.57 0.24
CA CYS A 216 11.56 13.22 -0.01
C CYS A 216 12.45 13.22 -1.23
N ILE A 217 12.04 13.91 -2.29
CA ILE A 217 12.81 13.96 -3.52
C ILE A 217 14.13 14.72 -3.30
N LEU A 218 14.06 15.87 -2.64
CA LEU A 218 15.25 16.71 -2.57
C LEU A 218 16.21 16.28 -1.47
N MET A 219 15.68 15.83 -0.34
CA MET A 219 16.47 15.57 0.85
CA MET A 219 16.47 15.57 0.85
C MET A 219 16.39 14.12 1.33
N GLY A 220 15.57 13.28 0.72
CA GLY A 220 15.46 11.90 1.20
C GLY A 220 14.81 11.79 2.55
N LYS A 221 14.02 12.78 2.94
CA LYS A 221 13.42 12.85 4.28
C LYS A 221 12.02 12.24 4.19
N PHE A 222 11.87 11.02 4.68
CA PHE A 222 10.60 10.32 4.72
C PHE A 222 10.07 10.31 6.15
N THR A 223 8.83 10.77 6.33
CA THR A 223 8.22 10.92 7.64
C THR A 223 6.75 10.58 7.51
N THR A 224 6.04 10.56 8.64
CA THR A 224 4.60 10.45 8.59
C THR A 224 3.99 11.54 7.73
N ALA A 225 4.56 12.76 7.78
CA ALA A 225 4.05 13.85 6.95
C ALA A 225 4.24 13.61 5.47
N SER A 226 5.33 12.91 5.06
CA SER A 226 5.43 12.54 3.65
C SER A 226 4.46 11.39 3.32
N ASP A 227 4.15 10.54 4.30
CA ASP A 227 3.11 9.55 4.09
C ASP A 227 1.76 10.22 3.84
N VAL A 228 1.51 11.33 4.54
CA VAL A 228 0.26 12.08 4.31
C VAL A 228 0.21 12.61 2.88
N TRP A 229 1.32 13.16 2.39
CA TRP A 229 1.39 13.60 1.00
C TRP A 229 1.08 12.45 0.04
N ALA A 230 1.72 11.31 0.23
CA ALA A 230 1.44 10.14 -0.62
C ALA A 230 -0.01 9.68 -0.48
N PHE A 231 -0.59 9.84 0.70
CA PHE A 231 -2.02 9.57 0.87
C PHE A 231 -2.85 10.48 0.00
N GLY A 232 -2.50 11.77 -0.06
CA GLY A 232 -3.21 12.66 -0.97
C GLY A 232 -3.17 12.16 -2.39
N VAL A 233 -2.00 11.71 -2.84
CA VAL A 233 -1.87 11.19 -4.20
C VAL A 233 -2.70 9.91 -4.36
N THR A 234 -2.67 9.05 -3.35
CA THR A 234 -3.44 7.79 -3.37
C THR A 234 -4.93 8.07 -3.44
N LEU A 235 -5.40 9.06 -2.68
CA LEU A 235 -6.79 9.48 -2.75
C LEU A 235 -7.14 10.00 -4.14
N TRP A 236 -6.26 10.82 -4.71
CA TRP A 236 -6.44 11.25 -6.08
C TRP A 236 -6.58 10.04 -7.03
N GLU A 237 -5.71 9.04 -6.88
CA GLU A 237 -5.82 7.87 -7.71
C GLU A 237 -7.21 7.24 -7.58
N VAL A 238 -7.65 7.03 -6.33
CA VAL A 238 -8.97 6.44 -6.09
C VAL A 238 -10.05 7.24 -6.80
N LEU A 239 -10.00 8.56 -6.69
CA LEU A 239 -11.03 9.40 -7.29
C LEU A 239 -10.91 9.47 -8.81
N MET A 240 -9.76 9.06 -9.35
CA MET A 240 -9.55 8.85 -10.78
C MET A 240 -9.87 7.43 -11.21
N LEU A 241 -10.40 6.61 -10.30
CA LEU A 241 -10.70 5.21 -10.57
C LEU A 241 -9.46 4.47 -11.04
N CYS A 242 -8.28 4.93 -10.60
CA CYS A 242 -7.02 4.26 -10.92
C CYS A 242 -6.77 4.19 -12.41
N ARG A 243 -7.35 5.11 -13.19
CA ARG A 243 -7.23 5.09 -14.64
CA ARG A 243 -7.23 5.09 -14.64
C ARG A 243 -6.26 6.13 -15.17
N ALA A 244 -5.49 6.77 -14.29
CA ALA A 244 -4.47 7.72 -14.69
C ALA A 244 -3.29 7.67 -13.74
N GLN A 245 -2.10 7.91 -14.29
CA GLN A 245 -0.93 8.01 -13.43
C GLN A 245 -0.80 9.45 -12.93
N PRO A 246 -0.43 9.65 -11.66
CA PRO A 246 -0.22 11.00 -11.17
C PRO A 246 0.82 11.74 -12.01
N PHE A 247 0.50 12.99 -12.37
CA PHE A 247 1.36 13.83 -13.21
C PHE A 247 1.67 13.16 -14.55
N GLY A 248 0.70 12.39 -15.05
CA GLY A 248 0.93 11.45 -16.14
C GLY A 248 1.40 12.08 -17.43
N GLN A 249 1.13 13.36 -17.65
CA GLN A 249 1.57 14.02 -18.86
CA GLN A 249 1.57 14.02 -18.86
C GLN A 249 2.94 14.66 -18.72
N LEU A 250 3.51 14.62 -17.52
CA LEU A 250 4.84 15.16 -17.26
C LEU A 250 5.88 14.04 -17.20
N THR A 251 7.10 14.37 -17.61
CA THR A 251 8.19 13.41 -17.57
C THR A 251 8.69 13.25 -16.13
N ASP A 252 9.46 12.18 -15.90
CA ASP A 252 10.08 12.00 -14.59
C ASP A 252 10.93 13.22 -14.23
N GLU A 253 11.69 13.74 -15.20
CA GLU A 253 12.51 14.93 -14.97
C GLU A 253 11.64 16.10 -14.54
N GLN A 254 10.49 16.28 -15.19
CA GLN A 254 9.59 17.36 -14.81
C GLN A 254 9.04 17.17 -13.40
N VAL A 255 8.77 15.93 -13.00
CA VAL A 255 8.28 15.69 -11.64
C VAL A 255 9.34 16.07 -10.61
N ILE A 256 10.59 15.74 -10.88
CA ILE A 256 11.68 16.09 -9.97
C ILE A 256 11.87 17.60 -9.94
N GLU A 257 11.80 18.23 -11.11
CA GLU A 257 11.89 19.69 -11.21
C GLU A 257 10.77 20.35 -10.39
N ASN A 258 9.58 19.74 -10.39
CA ASN A 258 8.47 20.30 -9.63
C ASN A 258 8.78 20.28 -8.13
N ALA A 259 9.47 19.23 -7.66
CA ALA A 259 9.87 19.21 -6.26
C ALA A 259 10.73 20.43 -5.94
N GLY A 260 11.63 20.78 -6.86
CA GLY A 260 12.45 21.97 -6.67
C GLY A 260 11.60 23.22 -6.60
N GLU A 261 10.54 23.29 -7.41
CA GLU A 261 9.67 24.45 -7.35
C GLU A 261 8.94 24.56 -6.03
N PHE A 262 8.59 23.43 -5.40
CA PHE A 262 8.01 23.50 -4.07
C PHE A 262 9.01 24.11 -3.09
N PHE A 263 10.25 23.67 -3.16
CA PHE A 263 11.28 24.24 -2.30
C PHE A 263 11.44 25.74 -2.55
N ARG A 264 11.57 26.12 -3.82
CA ARG A 264 11.85 27.52 -4.13
C ARG A 264 10.70 28.42 -3.69
N ASP A 265 9.48 27.92 -3.78
CA ASP A 265 8.31 28.60 -3.21
C ASP A 265 8.06 29.96 -3.87
N GLN A 266 8.14 29.99 -5.20
CA GLN A 266 7.91 31.19 -6.01
C GLN A 266 6.61 31.12 -6.80
N GLY A 267 5.70 30.22 -6.45
CA GLY A 267 4.41 30.12 -7.12
C GLY A 267 4.40 29.32 -8.41
N ARG A 268 5.48 28.60 -8.73
CA ARG A 268 5.52 27.82 -9.97
C ARG A 268 5.30 26.33 -9.76
N GLN A 269 5.18 25.88 -8.51
CA GLN A 269 4.88 24.47 -8.27
C GLN A 269 3.48 24.13 -8.78
N VAL A 270 3.33 22.89 -9.24
CA VAL A 270 2.07 22.40 -9.78
C VAL A 270 1.59 21.17 -9.00
N TYR A 271 0.29 20.96 -9.06
CA TYR A 271 -0.44 19.97 -8.31
C TYR A 271 -1.22 19.08 -9.27
N LEU A 272 -1.55 17.88 -8.79
CA LEU A 272 -2.53 17.07 -9.48
C LEU A 272 -3.84 17.82 -9.61
N SER A 273 -4.48 17.65 -10.75
CA SER A 273 -5.74 18.35 -11.01
C SER A 273 -6.91 17.69 -10.30
N ARG A 274 -8.01 18.42 -10.19
CA ARG A 274 -9.18 17.89 -9.49
CA ARG A 274 -9.18 17.89 -9.49
C ARG A 274 -9.85 16.82 -10.34
N PRO A 275 -9.99 15.59 -9.84
CA PRO A 275 -10.67 14.56 -10.63
C PRO A 275 -12.12 14.93 -10.88
N PRO A 276 -12.69 14.48 -12.01
CA PRO A 276 -14.13 14.67 -12.24
C PRO A 276 -15.04 14.16 -11.13
N ALA A 277 -14.68 13.06 -10.51
CA ALA A 277 -15.47 12.47 -9.43
C ALA A 277 -15.28 13.18 -8.09
N CYS A 278 -14.40 14.18 -8.01
CA CYS A 278 -14.00 14.76 -6.74
C CYS A 278 -14.65 16.14 -6.54
N PRO A 279 -15.50 16.34 -5.54
CA PRO A 279 -16.01 17.69 -5.25
C PRO A 279 -14.90 18.60 -4.74
N GLN A 280 -15.14 19.91 -4.84
CA GLN A 280 -14.11 20.89 -4.49
C GLN A 280 -13.69 20.76 -3.03
N GLY A 281 -14.63 20.46 -2.12
CA GLY A 281 -14.28 20.32 -0.72
C GLY A 281 -13.29 19.19 -0.47
N LEU A 282 -13.48 18.05 -1.16
CA LEU A 282 -12.54 16.94 -1.05
C LEU A 282 -11.21 17.30 -1.70
N TYR A 283 -11.24 18.01 -2.83
CA TYR A 283 -10.01 18.46 -3.45
C TYR A 283 -9.20 19.35 -2.50
N GLU A 284 -9.89 20.18 -1.71
CA GLU A 284 -9.18 21.02 -0.75
C GLU A 284 -8.47 20.20 0.33
N LEU A 285 -9.06 19.06 0.72
CA LEU A 285 -8.36 18.13 1.60
C LEU A 285 -7.08 17.62 0.94
N MET A 286 -7.16 17.25 -0.35
CA MET A 286 -5.95 16.81 -1.05
C MET A 286 -4.88 17.90 -1.03
N LEU A 287 -5.27 19.12 -1.34
CA LEU A 287 -4.32 20.22 -1.36
C LEU A 287 -3.67 20.39 0.01
N ARG A 288 -4.42 20.15 1.10
CA ARG A 288 -3.82 20.22 2.42
C ARG A 288 -2.75 19.15 2.60
N CYS A 289 -2.97 17.95 2.05
CA CYS A 289 -1.96 16.89 2.09
C CYS A 289 -0.69 17.28 1.37
N TRP A 290 -0.78 18.20 0.41
CA TRP A 290 0.34 18.64 -0.39
C TRP A 290 0.86 19.99 0.06
N SER A 291 0.61 20.36 1.31
CA SER A 291 1.17 21.60 1.85
C SER A 291 2.68 21.55 1.76
N ARG A 292 3.29 22.70 1.47
CA ARG A 292 4.74 22.76 1.39
C ARG A 292 5.38 22.37 2.73
N GLU A 293 4.87 22.95 3.81
CA GLU A 293 5.46 22.69 5.13
C GLU A 293 4.90 21.38 5.66
N SER A 294 5.79 20.46 5.99
CA SER A 294 5.35 19.14 6.44
CA SER A 294 5.34 19.14 6.41
C SER A 294 4.44 19.23 7.65
N GLU A 295 4.74 20.15 8.56
CA GLU A 295 3.96 20.26 9.78
C GLU A 295 2.55 20.78 9.55
N GLN A 296 2.26 21.41 8.39
CA GLN A 296 0.91 21.91 8.11
C GLN A 296 0.01 20.84 7.53
N ARG A 297 0.57 19.71 7.09
CA ARG A 297 -0.26 18.67 6.52
C ARG A 297 -1.13 18.05 7.62
N PRO A 298 -2.38 17.69 7.31
CA PRO A 298 -3.26 17.16 8.36
C PRO A 298 -2.76 15.82 8.87
N PRO A 299 -3.08 15.48 10.11
CA PRO A 299 -2.78 14.14 10.60
C PRO A 299 -3.80 13.15 10.05
N PHE A 300 -3.36 11.90 9.96
CA PHE A 300 -4.26 10.83 9.51
C PHE A 300 -5.54 10.73 10.33
N SER A 301 -5.50 11.04 11.63
CA SER A 301 -6.73 10.99 12.42
C SER A 301 -7.78 11.95 11.87
N GLN A 302 -7.35 13.12 11.39
CA GLN A 302 -8.29 14.08 10.81
C GLN A 302 -8.73 13.66 9.42
N LEU A 303 -7.79 13.17 8.61
CA LEU A 303 -8.12 12.70 7.27
C LEU A 303 -9.16 11.60 7.35
N HIS A 304 -8.97 10.65 8.28
CA HIS A 304 -9.95 9.59 8.41
C HIS A 304 -11.31 10.13 8.80
N ARG A 305 -11.33 11.05 9.77
CA ARG A 305 -12.60 11.60 10.23
C ARG A 305 -13.33 12.27 9.07
N PHE A 306 -12.60 13.11 8.32
CA PHE A 306 -13.21 13.81 7.19
C PHE A 306 -13.86 12.83 6.23
N LEU A 307 -13.11 11.78 5.84
CA LEU A 307 -13.60 10.84 4.84
C LEU A 307 -14.70 9.94 5.39
N ALA A 308 -14.65 9.59 6.66
CA ALA A 308 -15.65 8.69 7.25
C ALA A 308 -16.97 9.40 7.50
N GLU A 309 -16.95 10.70 7.77
CA GLU A 309 -18.17 11.46 7.89
C GLU A 309 -18.80 11.63 6.52
N ASP A 310 -18.00 12.05 5.54
CA ASP A 310 -18.44 12.25 4.15
C ASP A 310 -18.88 10.91 3.54
#